data_6RMT
#
_entry.id   6RMT
#
_cell.length_a   54.624
_cell.length_b   59.896
_cell.length_c   175.488
_cell.angle_alpha   90.00
_cell.angle_beta   90.00
_cell.angle_gamma   90.00
#
_symmetry.space_group_name_H-M   'P 21 21 21'
#
loop_
_entity.id
_entity.type
_entity.pdbx_description
1 polymer 'Complement C3'
2 non-polymer 'CHLORIDE ION'
3 water water
#
_entity_poly.entity_id   1
_entity_poly.type   'polypeptide(L)'
_entity_poly.pdbx_seq_one_letter_code
;MLDAERLKHLIVTPSGCGEQNMIGMTPTVIAVHYLDETEQWEKFGLEKRQGALELIKKGYTQQLAFRQPSSAFAAFVKRA
PSTWLTAYVVKVFSLAVNLIAIDSQVLCGAVKWLILEKQKPDGVFQEDAPVIHQEMIGGLRNNNEKDMALTAFVLISLQE
AKDICEEQVNSLPGSITKAGDFLEANYMNLQRSYTVAIAGYALAQMGRLKGPLLNKFLTTAKDKNRWEDPGKQLYNVEAT
SYALLALLQLKDFDFVPPVVRWLNEQRYYGGGYGSTQATFMVFQALAQYQKDAPDHQELNLDVSLQLPSR
;
_entity_poly.pdbx_strand_id   A,B
#
loop_
_chem_comp.id
_chem_comp.type
_chem_comp.name
_chem_comp.formula
CL non-polymer 'CHLORIDE ION' 'Cl -1'
#
# COMPACT_ATOMS: atom_id res chain seq x y z
N MET A 1 -3.66 14.55 31.12
CA MET A 1 -2.98 13.27 30.71
C MET A 1 -3.95 12.34 29.99
N LEU A 2 -3.49 11.74 28.90
CA LEU A 2 -4.31 10.84 28.11
C LEU A 2 -4.22 9.43 28.71
N ASP A 3 -5.35 8.91 29.17
CA ASP A 3 -5.33 7.73 30.02
C ASP A 3 -4.92 6.50 29.23
N ALA A 4 -3.99 5.71 29.79
CA ALA A 4 -3.46 4.54 29.11
C ALA A 4 -4.56 3.58 28.63
N GLU A 5 -5.71 3.56 29.31
CA GLU A 5 -6.80 2.69 28.90
C GLU A 5 -7.39 3.10 27.56
N ARG A 6 -7.13 4.34 27.13
CA ARG A 6 -7.70 4.87 25.91
C ARG A 6 -6.79 4.69 24.71
N LEU A 7 -5.64 4.04 24.89
CA LEU A 7 -4.55 4.08 23.91
C LEU A 7 -4.22 2.75 23.25
N LYS A 8 -4.91 1.67 23.62
CA LYS A 8 -4.44 0.37 23.16
C LYS A 8 -4.67 0.15 21.66
N HIS A 9 -5.55 0.93 21.04
CA HIS A 9 -5.64 0.89 19.58
C HIS A 9 -4.41 1.45 18.88
N LEU A 10 -3.45 2.02 19.61
CA LEU A 10 -2.21 2.55 19.03
C LEU A 10 -1.11 1.50 18.89
N ILE A 11 -1.32 0.29 19.41
CA ILE A 11 -0.37 -0.80 19.23
C ILE A 11 -0.82 -1.55 17.96
N VAL A 12 -0.05 -1.37 16.89
CA VAL A 12 -0.47 -1.86 15.59
C VAL A 12 0.67 -2.61 14.91
N THR A 13 0.30 -3.51 14.03
CA THR A 13 1.26 -4.27 13.26
C THR A 13 1.62 -3.46 12.02
N PRO A 14 2.87 -3.06 11.83
CA PRO A 14 3.22 -2.29 10.64
C PRO A 14 3.31 -3.19 9.42
N SER A 15 2.84 -2.69 8.28
CA SER A 15 2.87 -3.44 7.05
C SER A 15 2.90 -2.48 5.88
N GLY A 16 3.14 -3.04 4.68
CA GLY A 16 3.12 -2.28 3.46
C GLY A 16 4.49 -1.76 3.10
N CYS A 17 4.51 -0.88 2.12
CA CYS A 17 5.80 -0.41 1.59
C CYS A 17 6.26 0.86 2.33
N GLY A 18 7.10 1.68 1.69
CA GLY A 18 7.89 2.66 2.43
C GLY A 18 7.10 3.77 3.09
N GLU A 19 5.90 4.07 2.61
CA GLU A 19 5.03 5.04 3.26
C GLU A 19 4.11 4.35 4.26
N GLN A 20 3.39 3.32 3.83
N GLN A 20 3.39 3.33 3.81
CA GLN A 20 2.40 2.68 4.70
CA GLN A 20 2.42 2.65 4.68
C GLN A 20 3.06 2.00 5.90
C GLN A 20 3.11 2.09 5.92
N ASN A 21 4.30 1.51 5.75
CA ASN A 21 4.98 0.90 6.91
C ASN A 21 5.22 1.94 7.99
N MET A 22 5.54 3.18 7.59
CA MET A 22 5.70 4.27 8.56
C MET A 22 4.36 4.72 9.12
N ILE A 23 3.27 4.64 8.33
CA ILE A 23 1.95 4.91 8.90
C ILE A 23 1.66 3.93 10.04
N GLY A 24 2.07 2.66 9.88
CA GLY A 24 1.90 1.69 10.96
C GLY A 24 2.86 1.89 12.11
N MET A 25 4.11 2.23 11.80
CA MET A 25 5.11 2.36 12.87
C MET A 25 4.80 3.53 13.80
N THR A 26 4.22 4.59 13.25
CA THR A 26 4.03 5.84 14.01
C THR A 26 3.28 5.66 15.32
N PRO A 27 2.06 5.10 15.33
CA PRO A 27 1.32 5.04 16.60
C PRO A 27 2.02 4.24 17.69
N THR A 28 2.61 3.10 17.33
CA THR A 28 3.22 2.24 18.34
C THR A 28 4.46 2.86 18.94
N VAL A 29 5.30 3.47 18.12
CA VAL A 29 6.46 4.19 18.62
C VAL A 29 6.02 5.31 19.57
N ILE A 30 5.06 6.13 19.14
CA ILE A 30 4.78 7.29 19.98
C ILE A 30 3.97 6.87 21.21
N ALA A 31 3.18 5.79 21.11
CA ALA A 31 2.49 5.26 22.28
C ALA A 31 3.46 4.79 23.34
N VAL A 32 4.48 4.01 22.94
CA VAL A 32 5.47 3.56 23.92
C VAL A 32 6.21 4.76 24.49
N HIS A 33 6.60 5.71 23.64
CA HIS A 33 7.25 6.94 24.11
C HIS A 33 6.42 7.63 25.19
N TYR A 34 5.12 7.73 24.97
CA TYR A 34 4.24 8.44 25.89
C TYR A 34 4.00 7.62 27.16
N LEU A 35 3.73 6.32 27.00
CA LEU A 35 3.51 5.48 28.16
C LEU A 35 4.74 5.44 29.05
N ASP A 36 5.94 5.44 28.45
CA ASP A 36 7.17 5.49 29.24
C ASP A 36 7.19 6.75 30.09
N GLU A 37 7.05 7.92 29.45
CA GLU A 37 7.22 9.20 30.16
C GLU A 37 6.16 9.34 31.25
N THR A 38 4.93 8.98 30.98
CA THR A 38 3.85 9.13 31.93
C THR A 38 3.75 7.96 32.90
N GLU A 39 4.67 6.98 32.80
CA GLU A 39 4.73 5.81 33.68
C GLU A 39 3.33 5.22 33.90
N GLN A 40 2.69 4.89 32.79
CA GLN A 40 1.35 4.34 32.81
C GLN A 40 1.32 2.84 32.50
N TRP A 41 2.48 2.16 32.59
CA TRP A 41 2.53 0.77 32.13
C TRP A 41 1.76 -0.16 33.05
N GLU A 42 1.52 0.25 34.30
CA GLU A 42 0.63 -0.51 35.19
C GLU A 42 -0.78 -0.59 34.63
N LYS A 43 -1.44 0.56 34.48
CA LYS A 43 -2.77 0.57 33.88
C LYS A 43 -2.82 -0.22 32.58
N PHE A 44 -1.77 -0.10 31.76
CA PHE A 44 -1.76 -0.76 30.45
C PHE A 44 -1.43 -2.24 30.59
N GLY A 45 -0.50 -2.58 31.49
CA GLY A 45 -0.01 -3.94 31.64
C GLY A 45 1.45 -4.02 31.25
N LEU A 46 2.34 -4.07 32.24
CA LEU A 46 3.78 -3.98 31.96
C LEU A 46 4.27 -5.13 31.09
N GLU A 47 3.58 -6.27 31.14
CA GLU A 47 3.96 -7.40 30.29
C GLU A 47 3.85 -7.06 28.80
N LYS A 48 3.04 -6.05 28.44
CA LYS A 48 2.83 -5.72 27.05
C LYS A 48 3.93 -4.87 26.44
N ARG A 49 4.84 -4.29 27.24
CA ARG A 49 5.83 -3.39 26.66
C ARG A 49 6.81 -4.13 25.74
N GLN A 50 7.25 -5.32 26.15
CA GLN A 50 8.20 -6.06 25.32
C GLN A 50 7.62 -6.37 23.94
N GLY A 51 6.34 -6.75 23.88
CA GLY A 51 5.73 -7.03 22.59
C GLY A 51 5.66 -5.80 21.72
N ALA A 52 5.40 -4.63 22.33
CA ALA A 52 5.38 -3.39 21.57
C ALA A 52 6.76 -3.06 21.03
N LEU A 53 7.80 -3.28 21.83
CA LEU A 53 9.16 -3.04 21.32
C LEU A 53 9.46 -3.95 20.13
N GLU A 54 8.95 -5.18 20.17
CA GLU A 54 9.17 -6.09 19.06
C GLU A 54 8.45 -5.60 17.80
N LEU A 55 7.25 -5.00 17.98
CA LEU A 55 6.53 -4.41 16.86
C LEU A 55 7.30 -3.21 16.29
N ILE A 56 7.94 -2.44 17.18
CA ILE A 56 8.74 -1.30 16.73
C ILE A 56 9.97 -1.79 15.94
N LYS A 57 10.63 -2.83 16.44
CA LYS A 57 11.79 -3.35 15.75
C LYS A 57 11.39 -3.94 14.41
N LYS A 58 10.20 -4.51 14.32
CA LYS A 58 9.71 -5.04 13.05
C LYS A 58 9.47 -3.92 12.05
N GLY A 59 8.83 -2.82 12.50
CA GLY A 59 8.68 -1.66 11.64
C GLY A 59 10.00 -1.11 11.17
N TYR A 60 10.97 -1.00 12.06
CA TYR A 60 12.29 -0.53 11.70
C TYR A 60 12.90 -1.42 10.62
N THR A 61 12.99 -2.72 10.91
CA THR A 61 13.59 -3.66 9.96
C THR A 61 12.88 -3.61 8.62
N GLN A 62 11.55 -3.61 8.64
CA GLN A 62 10.83 -3.55 7.36
C GLN A 62 11.11 -2.27 6.61
N GLN A 63 11.30 -1.15 7.34
CA GLN A 63 11.52 0.12 6.68
C GLN A 63 12.82 0.11 5.89
N LEU A 64 13.81 -0.64 6.37
CA LEU A 64 15.09 -0.74 5.71
C LEU A 64 15.00 -1.37 4.31
N ALA A 65 13.93 -2.11 4.00
CA ALA A 65 13.74 -2.58 2.64
C ALA A 65 13.55 -1.43 1.65
N PHE A 66 13.11 -0.27 2.14
CA PHE A 66 12.85 0.90 1.29
C PHE A 66 13.90 1.99 1.45
N ARG A 67 14.97 1.71 2.17
CA ARG A 67 16.17 2.53 2.15
C ARG A 67 16.86 2.38 0.79
N GLN A 68 16.90 3.45 0.01
CA GLN A 68 17.56 3.39 -1.30
C GLN A 68 19.08 3.53 -1.11
N PRO A 69 19.87 3.16 -2.12
CA PRO A 69 21.34 3.24 -1.96
C PRO A 69 21.84 4.61 -1.53
N SER A 70 21.12 5.68 -1.90
CA SER A 70 21.49 7.03 -1.54
C SER A 70 21.28 7.35 -0.07
N SER A 71 20.65 6.44 0.67
CA SER A 71 20.20 6.57 2.08
C SER A 71 18.83 7.27 2.17
N ALA A 72 18.23 7.66 1.05
CA ALA A 72 16.91 8.28 1.03
C ALA A 72 15.81 7.22 1.01
N PHE A 73 14.59 7.66 1.33
CA PHE A 73 13.44 6.77 1.34
C PHE A 73 12.38 7.24 0.36
N ALA A 74 11.69 6.25 -0.23
CA ALA A 74 10.45 6.47 -0.97
C ALA A 74 9.53 5.28 -0.69
N ALA A 75 8.30 5.35 -1.20
CA ALA A 75 7.37 4.24 -1.06
C ALA A 75 7.96 2.95 -1.64
N PHE A 76 8.64 3.04 -2.78
N PHE A 76 8.65 3.05 -2.77
CA PHE A 76 9.29 1.87 -3.34
CA PHE A 76 9.28 1.90 -3.38
C PHE A 76 10.66 2.25 -3.90
C PHE A 76 10.69 2.28 -3.82
N VAL A 77 11.55 1.26 -3.95
CA VAL A 77 12.96 1.50 -4.24
C VAL A 77 13.18 2.13 -5.61
N LYS A 78 12.34 1.83 -6.59
CA LYS A 78 12.50 2.44 -7.91
C LYS A 78 11.77 3.77 -8.05
N ARG A 79 11.15 4.27 -7.00
CA ARG A 79 10.53 5.59 -7.02
C ARG A 79 11.53 6.68 -6.66
N ALA A 80 11.41 7.85 -7.30
CA ALA A 80 12.22 9.00 -6.94
C ALA A 80 12.08 9.28 -5.45
N PRO A 81 13.17 9.55 -4.75
CA PRO A 81 13.09 9.65 -3.29
C PRO A 81 12.36 10.91 -2.85
N SER A 82 11.68 10.77 -1.71
CA SER A 82 10.87 11.84 -1.15
C SER A 82 11.66 12.59 -0.07
N THR A 83 11.77 13.92 -0.23
CA THR A 83 12.34 14.73 0.84
C THR A 83 11.54 14.59 2.13
N TRP A 84 10.21 14.69 2.04
CA TRP A 84 9.40 14.63 3.24
C TRP A 84 9.51 13.27 3.93
N LEU A 85 9.37 12.17 3.17
CA LEU A 85 9.39 10.86 3.81
C LEU A 85 10.74 10.60 4.47
N THR A 86 11.84 10.96 3.80
CA THR A 86 13.17 10.82 4.38
C THR A 86 13.30 11.61 5.68
N ALA A 87 12.78 12.83 5.70
CA ALA A 87 12.82 13.63 6.91
C ALA A 87 11.93 13.02 8.00
N TYR A 88 10.78 12.43 7.62
CA TYR A 88 9.90 11.82 8.61
C TYR A 88 10.51 10.56 9.19
N VAL A 89 11.20 9.76 8.38
CA VAL A 89 11.90 8.60 8.92
C VAL A 89 12.95 9.06 9.93
N VAL A 90 13.71 10.10 9.59
CA VAL A 90 14.69 10.63 10.55
C VAL A 90 14.00 11.05 11.84
N LYS A 91 12.86 11.75 11.73
CA LYS A 91 12.10 12.17 12.90
C LYS A 91 11.67 10.98 13.75
N VAL A 92 11.09 9.96 13.14
CA VAL A 92 10.59 8.82 13.90
C VAL A 92 11.75 8.01 14.48
N PHE A 93 12.77 7.73 13.67
CA PHE A 93 13.89 6.92 14.16
C PHE A 93 14.64 7.63 15.30
N SER A 94 14.78 8.96 15.22
CA SER A 94 15.50 9.70 16.26
C SER A 94 14.82 9.54 17.61
N LEU A 95 13.49 9.64 17.61
CA LEU A 95 12.75 9.43 18.86
C LEU A 95 12.76 7.96 19.29
N ALA A 96 12.89 7.02 18.34
CA ALA A 96 12.90 5.61 18.71
C ALA A 96 14.27 5.10 19.16
N VAL A 97 15.29 5.95 19.19
CA VAL A 97 16.64 5.47 19.49
C VAL A 97 16.76 4.94 20.92
N ASN A 98 15.93 5.41 21.82
N ASN A 98 15.94 5.42 21.84
CA ASN A 98 16.00 4.95 23.20
CA ASN A 98 16.03 4.93 23.21
C ASN A 98 15.17 3.70 23.43
C ASN A 98 15.17 3.69 23.43
N LEU A 99 14.43 3.25 22.43
CA LEU A 99 13.52 2.11 22.53
C LEU A 99 14.09 0.88 21.87
N ILE A 100 14.74 1.04 20.72
CA ILE A 100 15.33 -0.06 19.96
C ILE A 100 16.66 0.41 19.39
N ALA A 101 17.38 -0.52 18.78
CA ALA A 101 18.68 -0.23 18.17
C ALA A 101 18.47 0.37 16.78
N ILE A 102 18.86 1.62 16.62
CA ILE A 102 18.77 2.35 15.35
C ILE A 102 20.20 2.50 14.82
N ASP A 103 20.46 1.97 13.62
CA ASP A 103 21.80 2.10 13.06
C ASP A 103 22.08 3.55 12.71
N SER A 104 23.16 4.12 13.26
N SER A 104 23.16 4.12 13.26
CA SER A 104 23.44 5.54 13.06
CA SER A 104 23.46 5.53 13.06
C SER A 104 23.84 5.83 11.61
C SER A 104 23.84 5.83 11.62
N GLN A 105 24.41 4.87 10.89
CA GLN A 105 24.74 5.11 9.49
C GLN A 105 23.48 5.22 8.63
N VAL A 106 22.42 4.50 8.99
CA VAL A 106 21.13 4.65 8.33
C VAL A 106 20.58 6.03 8.62
N LEU A 107 20.48 6.38 9.90
CA LEU A 107 19.91 7.66 10.32
C LEU A 107 20.70 8.82 9.76
N CYS A 108 22.02 8.84 9.98
CA CYS A 108 22.80 9.99 9.57
C CYS A 108 23.06 10.00 8.06
N GLY A 109 22.98 8.85 7.40
CA GLY A 109 23.06 8.85 5.95
C GLY A 109 21.87 9.56 5.33
N ALA A 110 20.69 9.38 5.93
CA ALA A 110 19.51 10.08 5.46
C ALA A 110 19.64 11.59 5.70
N VAL A 111 20.17 11.97 6.87
CA VAL A 111 20.39 13.37 7.18
C VAL A 111 21.37 14.00 6.19
N LYS A 112 22.48 13.32 5.93
CA LYS A 112 23.47 13.86 4.99
C LYS A 112 22.88 14.00 3.61
N TRP A 113 22.09 13.01 3.17
CA TRP A 113 21.47 13.11 1.85
C TRP A 113 20.53 14.32 1.78
N LEU A 114 19.74 14.54 2.83
CA LEU A 114 18.81 15.66 2.82
C LEU A 114 19.55 16.97 2.61
N ILE A 115 20.65 17.18 3.35
CA ILE A 115 21.40 18.41 3.27
C ILE A 115 22.07 18.54 1.90
N LEU A 116 22.86 17.54 1.51
CA LEU A 116 23.63 17.63 0.27
C LEU A 116 22.76 17.66 -0.98
N GLU A 117 21.62 16.97 -0.98
CA GLU A 117 20.84 16.84 -2.21
C GLU A 117 19.58 17.69 -2.24
N LYS A 118 18.99 18.04 -1.10
CA LYS A 118 17.68 18.67 -1.15
C LYS A 118 17.61 20.03 -0.49
N GLN A 119 18.70 20.55 0.08
CA GLN A 119 18.69 21.93 0.56
C GLN A 119 19.24 22.85 -0.51
N LYS A 120 18.48 23.89 -0.83
CA LYS A 120 18.89 24.84 -1.86
C LYS A 120 19.84 25.87 -1.27
N PRO A 121 20.50 26.66 -2.12
CA PRO A 121 21.51 27.60 -1.61
C PRO A 121 20.98 28.70 -0.70
N ASP A 122 19.66 28.95 -0.68
CA ASP A 122 19.06 29.88 0.27
C ASP A 122 18.52 29.18 1.52
N GLY A 123 18.76 27.89 1.68
CA GLY A 123 18.39 27.20 2.89
C GLY A 123 17.07 26.44 2.82
N VAL A 124 16.30 26.62 1.75
CA VAL A 124 15.03 25.92 1.60
C VAL A 124 15.25 24.43 1.36
N PHE A 125 14.40 23.59 1.95
CA PHE A 125 14.32 22.19 1.58
C PHE A 125 13.17 21.98 0.60
N GLN A 126 13.47 21.25 -0.47
CA GLN A 126 12.56 21.06 -1.59
C GLN A 126 12.19 19.60 -1.76
N GLU A 127 10.93 19.36 -2.07
CA GLU A 127 10.38 18.04 -2.34
C GLU A 127 10.28 17.88 -3.86
N ASP A 128 11.01 16.93 -4.41
CA ASP A 128 10.93 16.67 -5.84
C ASP A 128 10.08 15.45 -6.18
N ALA A 129 9.61 14.71 -5.19
CA ALA A 129 8.83 13.50 -5.41
C ALA A 129 7.88 13.33 -4.24
N PRO A 130 6.76 14.05 -4.25
CA PRO A 130 5.83 13.96 -3.10
C PRO A 130 5.35 12.55 -2.82
N VAL A 131 5.04 12.31 -1.54
CA VAL A 131 4.54 10.99 -1.14
C VAL A 131 3.20 10.74 -1.80
N ILE A 132 2.93 9.46 -2.07
CA ILE A 132 1.63 9.07 -2.59
C ILE A 132 0.55 9.23 -1.52
N HIS A 133 0.86 8.88 -0.26
CA HIS A 133 -0.12 8.97 0.83
C HIS A 133 -0.10 10.38 1.41
N GLN A 134 -0.78 11.29 0.70
CA GLN A 134 -0.78 12.69 1.12
C GLN A 134 -1.49 12.87 2.46
N GLU A 135 -2.29 11.88 2.89
CA GLU A 135 -2.95 11.96 4.20
C GLU A 135 -1.99 11.80 5.36
N MET A 136 -0.77 11.31 5.12
CA MET A 136 0.17 11.03 6.19
C MET A 136 1.05 12.23 6.56
N ILE A 137 0.98 13.33 5.80
CA ILE A 137 1.84 14.50 6.03
C ILE A 137 1.11 15.63 6.76
N GLY A 138 -0.11 15.39 7.24
CA GLY A 138 -0.78 16.39 8.05
C GLY A 138 -1.00 17.70 7.31
N GLY A 139 -0.81 18.80 8.02
CA GLY A 139 -1.13 20.12 7.51
C GLY A 139 -0.17 20.67 6.49
N LEU A 140 0.85 19.91 6.12
N LEU A 140 0.85 19.91 6.12
CA LEU A 140 1.61 20.24 4.92
CA LEU A 140 1.62 20.24 4.92
C LEU A 140 0.81 20.00 3.66
C LEU A 140 0.83 20.00 3.65
N ARG A 141 -0.22 19.17 3.72
CA ARG A 141 -0.99 18.84 2.52
C ARG A 141 -1.79 20.06 2.06
N ASN A 142 -1.61 20.43 0.79
CA ASN A 142 -2.25 21.61 0.18
C ASN A 142 -1.85 22.89 0.89
N ASN A 143 -0.74 22.87 1.65
CA ASN A 143 -0.26 24.08 2.31
C ASN A 143 0.43 24.93 1.26
N ASN A 144 -0.17 26.07 0.92
CA ASN A 144 0.37 26.93 -0.11
C ASN A 144 1.65 27.65 0.32
N GLU A 145 1.96 27.72 1.62
CA GLU A 145 3.23 28.27 2.09
C GLU A 145 4.27 27.14 2.17
N LYS A 146 4.48 26.53 1.00
N LYS A 146 4.47 26.49 1.01
CA LYS A 146 5.12 25.22 0.87
CA LYS A 146 5.13 25.18 0.98
C LYS A 146 6.58 25.24 1.31
C LYS A 146 6.60 25.26 1.39
N ASP A 147 7.34 26.23 0.86
CA ASP A 147 8.76 26.31 1.20
C ASP A 147 8.97 26.54 2.69
N MET A 148 8.17 27.41 3.29
CA MET A 148 8.30 27.64 4.73
C MET A 148 7.91 26.41 5.53
N ALA A 149 6.77 25.80 5.21
CA ALA A 149 6.31 24.67 6.01
C ALA A 149 7.25 23.46 5.88
N LEU A 150 7.68 23.15 4.67
CA LEU A 150 8.55 21.98 4.51
C LEU A 150 9.93 22.24 5.10
N THR A 151 10.45 23.45 4.93
CA THR A 151 11.76 23.75 5.51
C THR A 151 11.71 23.63 7.02
N ALA A 152 10.64 24.12 7.65
CA ALA A 152 10.46 23.95 9.09
C ALA A 152 10.38 22.47 9.48
N PHE A 153 9.62 21.68 8.71
CA PHE A 153 9.47 20.27 9.02
C PHE A 153 10.81 19.55 8.96
N VAL A 154 11.58 19.77 7.88
CA VAL A 154 12.87 19.10 7.77
C VAL A 154 13.85 19.59 8.83
N LEU A 155 13.89 20.90 9.06
CA LEU A 155 14.77 21.44 10.09
C LEU A 155 14.50 20.80 11.44
N ILE A 156 13.22 20.66 11.80
CA ILE A 156 12.86 20.00 13.04
C ILE A 156 13.44 18.59 13.09
N SER A 157 13.34 17.83 11.99
CA SER A 157 13.94 16.50 11.95
C SER A 157 15.44 16.57 12.14
N LEU A 158 16.11 17.51 11.47
CA LEU A 158 17.57 17.64 11.63
C LEU A 158 17.93 17.91 13.09
N GLN A 159 17.13 18.76 13.75
CA GLN A 159 17.40 19.09 15.16
C GLN A 159 17.24 17.86 16.05
N GLU A 160 16.22 17.05 15.80
N GLU A 160 16.18 17.07 15.82
CA GLU A 160 16.03 15.87 16.63
CA GLU A 160 15.99 15.83 16.57
C GLU A 160 17.07 14.79 16.34
C GLU A 160 17.19 14.91 16.41
N ALA A 161 17.78 14.88 15.21
CA ALA A 161 18.88 13.95 14.92
C ALA A 161 20.25 14.52 15.28
N LYS A 162 20.30 15.80 15.69
CA LYS A 162 21.57 16.52 15.78
C LYS A 162 22.54 15.85 16.75
N ASP A 163 22.05 15.47 17.93
CA ASP A 163 22.93 14.85 18.91
C ASP A 163 23.55 13.57 18.38
N ILE A 164 22.76 12.77 17.66
CA ILE A 164 23.26 11.49 17.15
C ILE A 164 24.18 11.71 15.96
N CYS A 165 23.92 12.73 15.14
CA CYS A 165 24.53 12.85 13.83
C CYS A 165 25.55 13.96 13.66
N GLU A 166 25.53 15.00 14.47
CA GLU A 166 26.41 16.14 14.16
C GLU A 166 27.87 15.71 14.18
N GLU A 167 28.19 14.67 14.95
CA GLU A 167 29.54 14.12 14.95
C GLU A 167 29.89 13.39 13.65
N GLN A 168 28.90 12.79 12.97
CA GLN A 168 29.17 12.09 11.72
C GLN A 168 28.87 12.91 10.46
N VAL A 169 28.14 14.02 10.58
CA VAL A 169 27.72 14.80 9.42
C VAL A 169 28.15 16.24 9.70
N ASN A 170 29.37 16.59 9.27
CA ASN A 170 29.96 17.86 9.71
C ASN A 170 29.35 19.06 9.03
N SER A 171 28.43 18.86 8.07
CA SER A 171 27.67 19.93 7.44
C SER A 171 26.33 20.23 8.14
N LEU A 172 26.04 19.55 9.22
CA LEU A 172 24.72 19.74 9.86
C LEU A 172 24.59 21.13 10.48
N PRO A 173 25.54 21.65 11.24
CA PRO A 173 25.33 22.97 11.86
C PRO A 173 25.06 24.08 10.85
N GLY A 174 25.79 24.10 9.75
CA GLY A 174 25.53 25.11 8.72
C GLY A 174 24.16 24.94 8.10
N SER A 175 23.76 23.71 7.82
CA SER A 175 22.46 23.47 7.21
C SER A 175 21.35 23.96 8.15
N ILE A 176 21.51 23.73 9.46
CA ILE A 176 20.54 24.18 10.42
C ILE A 176 20.47 25.71 10.41
N THR A 177 21.62 26.38 10.39
CA THR A 177 21.60 27.84 10.39
C THR A 177 20.94 28.38 9.13
N LYS A 178 21.26 27.82 7.97
CA LYS A 178 20.68 28.31 6.72
C LYS A 178 19.17 28.14 6.68
N ALA A 179 18.68 26.98 7.15
CA ALA A 179 17.22 26.77 7.18
C ALA A 179 16.57 27.78 8.11
N GLY A 180 17.20 28.01 9.26
CA GLY A 180 16.69 28.99 10.21
C GLY A 180 16.68 30.39 9.65
N ASP A 181 17.76 30.78 8.97
CA ASP A 181 17.80 32.06 8.28
C ASP A 181 16.60 32.22 7.35
N PHE A 182 16.31 31.20 6.54
CA PHE A 182 15.18 31.31 5.63
C PHE A 182 13.87 31.53 6.40
N LEU A 183 13.64 30.76 7.45
CA LEU A 183 12.38 30.90 8.20
C LEU A 183 12.29 32.27 8.85
N GLU A 184 13.38 32.74 9.47
CA GLU A 184 13.32 34.02 10.19
C GLU A 184 13.08 35.18 9.25
N ALA A 185 13.68 35.12 8.05
CA ALA A 185 13.55 36.21 7.08
C ALA A 185 12.14 36.33 6.52
N ASN A 186 11.36 35.25 6.51
CA ASN A 186 10.05 35.25 5.90
C ASN A 186 8.91 34.99 6.88
N TYR A 187 9.21 34.86 8.16
CA TYR A 187 8.18 34.50 9.13
C TYR A 187 7.06 35.53 9.16
N MET A 188 7.40 36.82 9.15
CA MET A 188 6.38 37.86 9.32
C MET A 188 5.38 37.87 8.18
N ASN A 189 5.72 37.30 7.01
CA ASN A 189 4.79 37.26 5.88
C ASN A 189 3.91 36.02 5.89
N LEU A 190 4.02 35.16 6.90
CA LEU A 190 3.16 34.00 6.94
C LEU A 190 1.73 34.40 7.27
N GLN A 191 0.77 33.63 6.76
CA GLN A 191 -0.63 33.81 7.09
C GLN A 191 -1.31 32.57 7.69
N ARG A 192 -0.84 31.36 7.43
CA ARG A 192 -1.53 30.18 7.94
C ARG A 192 -1.09 29.89 9.38
N SER A 193 -2.07 29.67 10.26
CA SER A 193 -1.75 29.38 11.65
C SER A 193 -0.90 28.11 11.78
N TYR A 194 -1.11 27.15 10.87
CA TYR A 194 -0.32 25.93 10.89
C TYR A 194 1.15 26.23 10.66
N THR A 195 1.43 27.07 9.66
CA THR A 195 2.83 27.34 9.32
C THR A 195 3.47 28.19 10.39
N VAL A 196 2.69 29.12 10.96
CA VAL A 196 3.16 29.92 12.10
C VAL A 196 3.57 29.01 13.23
N ALA A 197 2.78 27.98 13.50
CA ALA A 197 3.08 27.05 14.59
C ALA A 197 4.33 26.23 14.29
N ILE A 198 4.41 25.58 13.13
CA ILE A 198 5.51 24.64 12.92
C ILE A 198 6.83 25.39 12.74
N ALA A 199 6.80 26.49 11.97
CA ALA A 199 8.00 27.32 11.88
C ALA A 199 8.32 28.00 13.20
N GLY A 200 7.28 28.31 14.00
CA GLY A 200 7.53 28.85 15.33
C GLY A 200 8.34 27.91 16.19
N TYR A 201 7.99 26.62 16.19
CA TYR A 201 8.76 25.65 16.95
C TYR A 201 10.18 25.54 16.42
N ALA A 202 10.33 25.45 15.10
CA ALA A 202 11.65 25.35 14.52
C ALA A 202 12.55 26.51 14.93
N LEU A 203 12.01 27.74 14.90
CA LEU A 203 12.79 28.91 15.34
C LEU A 203 13.02 28.90 16.85
N ALA A 204 12.01 28.52 17.64
CA ALA A 204 12.17 28.51 19.10
C ALA A 204 13.28 27.57 19.53
N GLN A 205 13.39 26.41 18.88
CA GLN A 205 14.48 25.48 19.19
C GLN A 205 15.84 26.16 19.08
N MET A 206 15.97 27.13 18.17
CA MET A 206 17.25 27.79 17.92
C MET A 206 17.44 29.06 18.72
N GLY A 207 16.48 29.41 19.59
CA GLY A 207 16.56 30.70 20.24
C GLY A 207 16.29 31.89 19.34
N ARG A 208 15.66 31.68 18.18
CA ARG A 208 15.45 32.76 17.21
C ARG A 208 13.98 33.11 17.04
N LEU A 209 13.14 32.74 18.00
CA LEU A 209 11.74 33.18 18.01
C LEU A 209 11.65 34.26 19.08
N LYS A 210 11.77 35.51 18.65
CA LYS A 210 11.79 36.63 19.58
C LYS A 210 11.15 37.85 18.92
N GLY A 211 10.93 38.88 19.73
CA GLY A 211 10.51 40.17 19.21
C GLY A 211 9.18 40.11 18.47
N PRO A 212 9.07 40.83 17.34
CA PRO A 212 7.83 40.75 16.57
C PRO A 212 7.48 39.35 16.08
N LEU A 213 8.47 38.49 15.83
CA LEU A 213 8.15 37.13 15.41
C LEU A 213 7.50 36.36 16.55
N LEU A 214 8.03 36.52 17.76
CA LEU A 214 7.43 35.85 18.91
C LEU A 214 6.01 36.37 19.11
N ASN A 215 5.82 37.67 18.98
CA ASN A 215 4.49 38.26 19.15
C ASN A 215 3.51 37.71 18.12
N LYS A 216 3.95 37.54 16.87
CA LYS A 216 3.08 36.98 15.83
C LYS A 216 2.71 35.55 16.17
N PHE A 217 3.69 34.75 16.61
CA PHE A 217 3.42 33.39 17.03
C PHE A 217 2.31 33.35 18.08
N LEU A 218 2.44 34.12 19.16
CA LEU A 218 1.49 34.05 20.27
C LEU A 218 0.11 34.60 19.88
N THR A 219 0.06 35.74 19.20
CA THR A 219 -1.22 36.37 18.88
C THR A 219 -1.97 35.69 17.74
N THR A 220 -1.32 34.80 16.99
CA THR A 220 -2.04 33.96 16.04
C THR A 220 -2.94 32.94 16.75
N ALA A 221 -2.61 32.56 17.97
CA ALA A 221 -3.47 31.62 18.70
C ALA A 221 -4.86 32.21 18.89
N LYS A 222 -5.87 31.34 18.85
CA LYS A 222 -7.23 31.72 19.22
C LYS A 222 -7.44 31.42 20.70
N ASP A 223 -8.10 32.35 21.41
CA ASP A 223 -8.47 32.16 22.82
C ASP A 223 -7.27 31.76 23.68
N LYS A 224 -6.07 32.13 23.23
CA LYS A 224 -4.81 31.76 23.89
C LYS A 224 -4.69 30.27 24.19
N ASN A 225 -5.32 29.41 23.38
CA ASN A 225 -5.21 27.98 23.64
C ASN A 225 -5.06 27.10 22.41
N ARG A 226 -5.09 27.65 21.20
CA ARG A 226 -4.94 26.78 20.03
C ARG A 226 -4.56 27.58 18.81
N TRP A 227 -3.96 26.87 17.84
CA TRP A 227 -3.60 27.39 16.53
C TRP A 227 -4.54 26.71 15.54
N GLU A 228 -5.48 27.48 14.98
CA GLU A 228 -6.67 26.91 14.36
C GLU A 228 -6.85 27.36 12.92
N ASP A 229 -6.92 26.38 12.01
CA ASP A 229 -7.47 26.50 10.67
C ASP A 229 -8.91 25.99 10.72
N PRO A 230 -9.93 26.83 10.64
CA PRO A 230 -11.28 26.38 11.02
C PRO A 230 -11.74 25.21 10.16
N GLY A 231 -12.23 24.18 10.83
CA GLY A 231 -12.74 23.01 10.17
C GLY A 231 -11.73 21.92 9.93
N LYS A 232 -10.47 22.12 10.31
CA LYS A 232 -9.40 21.17 10.03
C LYS A 232 -8.89 20.58 11.34
N GLN A 233 -9.69 19.70 11.92
CA GLN A 233 -9.46 19.26 13.30
C GLN A 233 -8.09 18.59 13.45
N LEU A 234 -7.77 17.66 12.55
CA LEU A 234 -6.50 16.95 12.68
C LEU A 234 -5.32 17.88 12.43
N TYR A 235 -5.43 18.77 11.45
CA TYR A 235 -4.37 19.77 11.26
C TYR A 235 -4.18 20.58 12.53
N ASN A 236 -5.29 20.96 13.16
CA ASN A 236 -5.21 21.86 14.29
C ASN A 236 -4.62 21.18 15.51
N VAL A 237 -4.92 19.89 15.68
CA VAL A 237 -4.30 19.15 16.78
C VAL A 237 -2.80 19.09 16.56
N GLU A 238 -2.37 18.83 15.31
CA GLU A 238 -0.94 18.77 14.99
C GLU A 238 -0.27 20.13 15.20
N ALA A 239 -0.86 21.18 14.63
CA ALA A 239 -0.29 22.51 14.75
C ALA A 239 -0.22 22.96 16.21
N THR A 240 -1.28 22.74 16.97
CA THR A 240 -1.28 23.19 18.36
C THR A 240 -0.26 22.38 19.17
N SER A 241 0.03 21.15 18.74
CA SER A 241 1.08 20.37 19.40
C SER A 241 2.48 20.93 19.11
N TYR A 242 2.74 21.33 17.86
CA TYR A 242 3.97 22.04 17.56
C TYR A 242 4.05 23.32 18.38
N ALA A 243 2.92 24.04 18.52
CA ALA A 243 2.95 25.29 19.29
C ALA A 243 3.30 25.02 20.74
N LEU A 244 2.72 23.95 21.32
CA LEU A 244 3.05 23.57 22.69
C LEU A 244 4.54 23.28 22.85
N LEU A 245 5.12 22.55 21.89
CA LEU A 245 6.55 22.27 21.95
C LEU A 245 7.36 23.57 21.86
N ALA A 246 6.88 24.52 21.07
CA ALA A 246 7.52 25.83 20.99
C ALA A 246 7.45 26.56 22.32
N LEU A 247 6.26 26.59 22.95
CA LEU A 247 6.11 27.24 24.24
C LEU A 247 7.04 26.62 25.27
N LEU A 248 7.13 25.29 25.28
CA LEU A 248 8.02 24.62 26.22
C LEU A 248 9.47 25.00 25.97
N GLN A 249 9.87 25.16 24.70
CA GLN A 249 11.22 25.66 24.42
C GLN A 249 11.40 27.08 24.92
N LEU A 250 10.37 27.93 24.73
CA LEU A 250 10.41 29.30 25.24
C LEU A 250 10.33 29.34 26.76
N LYS A 251 9.93 28.26 27.40
CA LYS A 251 9.69 28.26 28.84
C LYS A 251 8.60 29.25 29.21
N ASP A 252 7.60 29.40 28.33
CA ASP A 252 6.47 30.30 28.59
C ASP A 252 5.36 29.53 29.30
N PHE A 253 5.65 29.18 30.55
CA PHE A 253 4.73 28.34 31.31
C PHE A 253 3.46 29.08 31.74
N ASP A 254 3.40 30.40 31.63
CA ASP A 254 2.11 31.06 31.83
C ASP A 254 1.15 30.78 30.67
N PHE A 255 1.70 30.51 29.48
CA PHE A 255 0.89 30.26 28.30
C PHE A 255 0.51 28.79 28.13
N VAL A 256 1.26 27.89 28.74
CA VAL A 256 1.16 26.47 28.44
C VAL A 256 -0.15 25.83 28.92
N PRO A 257 -0.66 26.13 30.11
CA PRO A 257 -1.77 25.31 30.66
C PRO A 257 -3.02 25.33 29.78
N PRO A 258 -3.46 26.49 29.28
CA PRO A 258 -4.67 26.44 28.45
C PRO A 258 -4.48 25.65 27.16
N VAL A 259 -3.25 25.59 26.62
CA VAL A 259 -2.97 24.84 25.40
C VAL A 259 -3.06 23.34 25.68
N VAL A 260 -2.40 22.91 26.76
CA VAL A 260 -2.50 21.52 27.20
C VAL A 260 -3.95 21.15 27.43
N ARG A 261 -4.69 22.05 28.08
CA ARG A 261 -6.08 21.78 28.39
C ARG A 261 -6.90 21.63 27.11
N TRP A 262 -6.67 22.51 26.13
CA TRP A 262 -7.40 22.41 24.88
C TRP A 262 -7.10 21.09 24.19
N LEU A 263 -5.83 20.67 24.21
CA LEU A 263 -5.47 19.42 23.57
C LEU A 263 -6.14 18.24 24.28
N ASN A 264 -6.18 18.27 25.61
CA ASN A 264 -6.88 17.23 26.37
C ASN A 264 -8.39 17.26 26.11
N GLU A 265 -8.98 18.44 26.00
CA GLU A 265 -10.43 18.55 25.79
C GLU A 265 -10.86 18.09 24.42
N GLN A 266 -9.94 17.90 23.48
CA GLN A 266 -10.36 17.38 22.18
C GLN A 266 -10.74 15.90 22.27
N ARG A 267 -10.33 15.23 23.35
CA ARG A 267 -10.58 13.80 23.52
C ARG A 267 -10.15 13.04 22.27
N TYR A 268 -8.96 13.39 21.80
CA TYR A 268 -8.38 12.81 20.59
C TYR A 268 -7.21 11.95 21.01
N TYR A 269 -7.22 10.68 20.59
CA TYR A 269 -6.25 9.69 21.05
C TYR A 269 -5.47 9.06 19.91
N GLY A 270 -5.39 9.72 18.75
CA GLY A 270 -4.63 9.21 17.64
C GLY A 270 -5.32 8.07 16.91
N GLY A 271 -4.72 7.68 15.79
CA GLY A 271 -5.23 6.56 15.02
C GLY A 271 -6.24 6.98 13.98
N GLY A 272 -6.29 6.21 12.90
CA GLY A 272 -7.27 6.45 11.86
C GLY A 272 -6.66 7.10 10.63
N TYR A 273 -7.49 7.16 9.59
CA TYR A 273 -7.03 7.64 8.29
C TYR A 273 -6.57 9.09 8.39
N GLY A 274 -5.38 9.36 7.84
CA GLY A 274 -4.86 10.71 7.87
C GLY A 274 -4.35 11.18 9.21
N SER A 275 -4.19 10.29 10.17
CA SER A 275 -3.87 10.68 11.54
C SER A 275 -2.38 10.65 11.86
N THR A 276 -1.52 10.37 10.88
CA THR A 276 -0.12 10.10 11.21
C THR A 276 0.49 11.26 11.98
N GLN A 277 0.46 12.48 11.41
CA GLN A 277 1.14 13.61 12.05
C GLN A 277 0.43 14.05 13.32
N ALA A 278 -0.90 14.05 13.33
CA ALA A 278 -1.61 14.47 14.54
C ALA A 278 -1.28 13.50 15.67
N THR A 279 -1.16 12.21 15.35
CA THR A 279 -0.88 11.21 16.37
C THR A 279 0.54 11.34 16.89
N PHE A 280 1.52 11.44 16.00
CA PHE A 280 2.89 11.60 16.44
C PHE A 280 3.05 12.87 17.28
N MET A 281 2.50 13.99 16.79
CA MET A 281 2.77 15.28 17.40
C MET A 281 2.05 15.45 18.74
N VAL A 282 0.80 14.99 18.88
CA VAL A 282 0.11 15.26 20.15
C VAL A 282 0.76 14.48 21.27
N PHE A 283 1.18 13.23 20.99
CA PHE A 283 1.82 12.44 22.05
C PHE A 283 3.27 12.85 22.27
N GLN A 284 3.97 13.29 21.22
CA GLN A 284 5.28 13.88 21.47
C GLN A 284 5.15 15.13 22.33
N ALA A 285 4.19 16.00 22.02
CA ALA A 285 4.14 17.28 22.74
C ALA A 285 3.69 17.08 24.19
N LEU A 286 2.67 16.24 24.40
CA LEU A 286 2.20 15.99 25.75
C LEU A 286 3.20 15.21 26.58
N ALA A 287 4.01 14.34 25.96
CA ALA A 287 5.10 13.70 26.71
C ALA A 287 6.13 14.73 27.14
N GLN A 288 6.47 15.67 26.24
CA GLN A 288 7.45 16.69 26.60
C GLN A 288 6.91 17.59 27.71
N TYR A 289 5.61 17.90 27.66
CA TYR A 289 4.99 18.61 28.77
C TYR A 289 5.14 17.85 30.08
N GLN A 290 4.78 16.56 30.08
N GLN A 290 4.79 16.56 30.08
CA GLN A 290 4.95 15.75 31.29
CA GLN A 290 4.95 15.76 31.29
C GLN A 290 6.39 15.76 31.75
C GLN A 290 6.40 15.75 31.75
N LYS A 291 7.33 15.68 30.80
CA LYS A 291 8.75 15.65 31.17
C LYS A 291 9.21 16.98 31.73
N ASP A 292 8.73 18.09 31.15
CA ASP A 292 9.19 19.41 31.55
C ASP A 292 8.51 19.92 32.81
N ALA A 293 7.23 19.58 33.03
CA ALA A 293 6.49 20.03 34.21
C ALA A 293 5.97 18.82 34.96
N PRO A 294 6.87 18.04 35.60
CA PRO A 294 6.47 16.71 36.08
C PRO A 294 5.47 16.73 37.23
N ASP A 295 5.42 17.75 38.07
N ASP A 295 5.44 17.82 38.01
CA ASP A 295 4.42 17.77 39.15
CA ASP A 295 4.60 17.95 39.20
C ASP A 295 3.46 18.94 38.98
C ASP A 295 3.43 18.90 38.99
N HIS A 296 3.07 19.20 37.74
CA HIS A 296 1.91 20.04 37.45
C HIS A 296 0.67 19.45 38.12
N GLN A 297 -0.33 20.30 38.34
CA GLN A 297 -1.53 19.87 39.04
C GLN A 297 -2.44 19.05 38.12
N GLU A 298 -3.10 18.04 38.69
CA GLU A 298 -4.08 17.22 38.00
C GLU A 298 -5.01 18.06 37.14
N LEU A 299 -5.27 17.59 35.92
CA LEU A 299 -6.16 18.28 34.99
C LEU A 299 -7.61 17.92 35.30
N ASN A 300 -8.41 18.93 35.65
CA ASN A 300 -9.83 18.73 36.01
C ASN A 300 -10.69 19.01 34.78
N LEU A 301 -10.94 17.98 33.97
CA LEU A 301 -11.82 18.11 32.82
C LEU A 301 -13.28 17.84 33.22
N MET B 1 -26.50 -10.70 -19.32
CA MET B 1 -25.42 -9.68 -19.48
C MET B 1 -25.41 -8.79 -18.26
N LEU B 2 -24.24 -8.54 -17.68
CA LEU B 2 -24.15 -7.63 -16.54
C LEU B 2 -24.23 -6.20 -17.07
N ASP B 3 -25.26 -5.47 -16.62
N ASP B 3 -25.24 -5.47 -16.59
CA ASP B 3 -25.50 -4.14 -17.20
CA ASP B 3 -25.53 -4.13 -17.08
C ASP B 3 -24.40 -3.16 -16.80
C ASP B 3 -24.37 -3.17 -16.78
N ALA B 4 -23.97 -2.37 -17.78
CA ALA B 4 -22.90 -1.39 -17.59
C ALA B 4 -23.22 -0.39 -16.50
N GLU B 5 -24.51 -0.08 -16.30
N GLU B 5 -24.52 -0.10 -16.31
CA GLU B 5 -24.87 0.85 -15.22
CA GLU B 5 -24.96 0.78 -15.23
C GLU B 5 -24.42 0.33 -13.86
C GLU B 5 -24.41 0.33 -13.87
N ARG B 6 -24.14 -0.96 -13.73
CA ARG B 6 -23.72 -1.55 -12.47
C ARG B 6 -22.22 -1.75 -12.35
N LEU B 7 -21.43 -1.28 -13.32
CA LEU B 7 -19.99 -1.53 -13.34
C LEU B 7 -19.12 -0.29 -13.14
N LYS B 8 -19.72 0.85 -12.77
CA LYS B 8 -18.93 2.08 -12.67
C LYS B 8 -17.80 1.95 -11.66
N HIS B 9 -18.03 1.20 -10.59
CA HIS B 9 -17.06 1.06 -9.50
C HIS B 9 -15.82 0.29 -9.92
N LEU B 10 -15.83 -0.35 -11.09
CA LEU B 10 -14.68 -1.14 -11.51
C LEU B 10 -13.59 -0.29 -12.15
N ILE B 11 -13.85 0.99 -12.40
CA ILE B 11 -12.86 1.87 -13.00
C ILE B 11 -12.03 2.45 -11.86
N VAL B 12 -10.87 1.84 -11.63
CA VAL B 12 -10.11 2.05 -10.41
C VAL B 12 -8.74 2.60 -10.78
N THR B 13 -8.25 3.55 -9.99
CA THR B 13 -6.92 4.08 -10.19
C THR B 13 -5.93 3.21 -9.43
N PRO B 14 -5.04 2.48 -10.10
CA PRO B 14 -4.16 1.58 -9.36
C PRO B 14 -3.11 2.35 -8.58
N SER B 15 -2.73 1.80 -7.42
CA SER B 15 -1.66 2.37 -6.62
C SER B 15 -1.14 1.31 -5.66
N GLY B 16 0.02 1.58 -5.09
CA GLY B 16 0.62 0.70 -4.11
C GLY B 16 1.78 -0.07 -4.74
N CYS B 17 2.19 -1.10 -4.04
N CYS B 17 2.29 -1.04 -3.99
CA CYS B 17 3.39 -1.80 -4.46
CA CYS B 17 3.46 -1.75 -4.50
C CYS B 17 3.01 -3.08 -5.22
C CYS B 17 3.03 -3.06 -5.19
N GLY B 18 3.95 -4.02 -5.31
CA GLY B 18 3.83 -5.08 -6.30
C GLY B 18 2.52 -5.86 -6.30
N GLU B 19 1.90 -6.05 -5.14
CA GLU B 19 0.63 -6.77 -5.03
C GLU B 19 -0.56 -5.84 -5.15
N GLN B 20 -0.59 -4.76 -4.36
CA GLN B 20 -1.73 -3.84 -4.35
C GLN B 20 -1.94 -3.15 -5.67
N ASN B 21 -0.86 -2.79 -6.38
CA ASN B 21 -1.01 -2.22 -7.73
C ASN B 21 -1.78 -3.17 -8.65
N MET B 22 -1.53 -4.48 -8.56
CA MET B 22 -2.30 -5.44 -9.37
C MET B 22 -3.76 -5.61 -8.89
N ILE B 23 -3.98 -5.51 -7.58
CA ILE B 23 -5.35 -5.49 -7.08
C ILE B 23 -6.13 -4.32 -7.68
N GLY B 24 -5.47 -3.18 -7.87
CA GLY B 24 -6.15 -2.03 -8.48
C GLY B 24 -6.29 -2.12 -9.99
N MET B 25 -5.26 -2.65 -10.65
CA MET B 25 -5.31 -2.78 -12.11
C MET B 25 -6.37 -3.77 -12.56
N THR B 26 -6.62 -4.83 -11.76
CA THR B 26 -7.49 -5.92 -12.16
C THR B 26 -8.90 -5.48 -12.58
N PRO B 27 -9.66 -4.82 -11.71
CA PRO B 27 -11.03 -4.43 -12.11
C PRO B 27 -11.09 -3.54 -13.35
N THR B 28 -10.16 -2.60 -13.51
CA THR B 28 -10.19 -1.71 -14.67
C THR B 28 -9.90 -2.46 -15.96
N VAL B 29 -8.83 -3.25 -15.98
CA VAL B 29 -8.57 -4.09 -17.15
C VAL B 29 -9.81 -4.90 -17.52
N ILE B 30 -10.38 -5.62 -16.58
CA ILE B 30 -11.37 -6.60 -17.00
C ILE B 30 -12.72 -5.92 -17.28
N ALA B 31 -13.01 -4.79 -16.63
CA ALA B 31 -14.19 -4.00 -16.99
C ALA B 31 -14.12 -3.51 -18.43
N VAL B 32 -12.97 -2.97 -18.83
CA VAL B 32 -12.81 -2.55 -20.23
C VAL B 32 -12.96 -3.73 -21.16
N HIS B 33 -12.35 -4.86 -20.83
CA HIS B 33 -12.45 -6.08 -21.64
C HIS B 33 -13.91 -6.48 -21.84
N TYR B 34 -14.69 -6.47 -20.75
CA TYR B 34 -16.09 -6.91 -20.80
C TYR B 34 -16.99 -5.88 -21.46
N LEU B 35 -16.78 -4.59 -21.18
CA LEU B 35 -17.57 -3.56 -21.84
C LEU B 35 -17.32 -3.53 -23.34
N ASP B 36 -16.05 -3.75 -23.75
CA ASP B 36 -15.70 -3.93 -25.16
C ASP B 36 -16.53 -5.03 -25.81
N GLU B 37 -16.42 -6.25 -25.27
CA GLU B 37 -17.03 -7.42 -25.93
C GLU B 37 -18.54 -7.34 -25.91
N THR B 38 -19.15 -6.73 -24.90
CA THR B 38 -20.60 -6.62 -24.84
C THR B 38 -21.13 -5.35 -25.51
N GLU B 39 -20.26 -4.56 -26.13
CA GLU B 39 -20.68 -3.36 -26.85
C GLU B 39 -21.55 -2.46 -25.96
N GLN B 40 -21.07 -2.21 -24.75
CA GLN B 40 -21.82 -1.40 -23.78
C GLN B 40 -21.24 -0.01 -23.54
N TRP B 41 -20.27 0.43 -24.34
CA TRP B 41 -19.72 1.76 -24.12
C TRP B 41 -20.68 2.88 -24.45
N GLU B 42 -21.59 2.68 -25.42
CA GLU B 42 -22.58 3.74 -25.67
C GLU B 42 -23.36 4.03 -24.40
N LYS B 43 -23.78 2.98 -23.69
CA LYS B 43 -24.46 3.17 -22.41
C LYS B 43 -23.52 3.68 -21.33
N PHE B 44 -22.33 3.08 -21.23
CA PHE B 44 -21.42 3.45 -20.15
C PHE B 44 -20.94 4.89 -20.31
N GLY B 45 -20.74 5.32 -21.55
CA GLY B 45 -20.15 6.60 -21.88
C GLY B 45 -18.96 6.38 -22.79
N LEU B 46 -19.12 6.64 -24.10
CA LEU B 46 -18.06 6.32 -25.05
C LEU B 46 -16.75 7.00 -24.69
N GLU B 47 -16.82 8.25 -24.27
N GLU B 47 -16.86 8.24 -24.22
CA GLU B 47 -15.61 9.03 -23.99
CA GLU B 47 -15.69 9.08 -23.94
C GLU B 47 -14.85 8.52 -22.78
C GLU B 47 -14.88 8.55 -22.77
N LYS B 48 -15.46 7.66 -21.96
CA LYS B 48 -14.83 7.21 -20.73
C LYS B 48 -13.82 6.10 -20.95
N ARG B 49 -13.79 5.49 -22.14
CA ARG B 49 -12.84 4.41 -22.35
C ARG B 49 -11.41 4.96 -22.40
N GLN B 50 -11.20 6.12 -23.04
N GLN B 50 -11.19 6.12 -23.02
CA GLN B 50 -9.87 6.70 -23.12
CA GLN B 50 -9.83 6.64 -23.11
C GLN B 50 -9.25 6.84 -21.73
C GLN B 50 -9.23 6.83 -21.73
N GLY B 51 -10.02 7.35 -20.78
CA GLY B 51 -9.52 7.53 -19.44
C GLY B 51 -9.24 6.20 -18.74
N ALA B 52 -10.13 5.22 -18.93
CA ALA B 52 -9.88 3.89 -18.39
C ALA B 52 -8.57 3.32 -18.92
N LEU B 53 -8.32 3.46 -20.23
CA LEU B 53 -7.09 2.96 -20.81
C LEU B 53 -5.86 3.64 -20.22
N GLU B 54 -5.97 4.93 -19.91
CA GLU B 54 -4.87 5.63 -19.27
C GLU B 54 -4.61 5.08 -17.88
N LEU B 55 -5.67 4.66 -17.18
CA LEU B 55 -5.48 4.04 -15.87
C LEU B 55 -4.85 2.64 -15.98
N ILE B 56 -5.21 1.89 -17.02
CA ILE B 56 -4.57 0.60 -17.28
C ILE B 56 -3.09 0.77 -17.61
N LYS B 57 -2.75 1.74 -18.45
CA LYS B 57 -1.33 2.00 -18.75
C LYS B 57 -0.58 2.43 -17.49
N LYS B 58 -1.21 3.23 -16.64
CA LYS B 58 -0.58 3.61 -15.37
C LYS B 58 -0.33 2.38 -14.51
N GLY B 59 -1.29 1.46 -14.46
CA GLY B 59 -1.09 0.23 -13.72
C GLY B 59 0.07 -0.56 -14.26
N TYR B 60 0.11 -0.72 -15.58
CA TYR B 60 1.20 -1.48 -16.21
C TYR B 60 2.54 -0.86 -15.87
N THR B 61 2.65 0.47 -16.04
CA THR B 61 3.92 1.16 -15.83
C THR B 61 4.36 1.08 -14.37
N GLN B 62 3.42 1.29 -13.45
CA GLN B 62 3.75 1.17 -12.04
C GLN B 62 4.21 -0.25 -11.69
N GLN B 63 3.65 -1.27 -12.34
CA GLN B 63 4.02 -2.64 -12.00
C GLN B 63 5.47 -2.92 -12.32
N LEU B 64 6.01 -2.24 -13.34
CA LEU B 64 7.39 -2.46 -13.74
C LEU B 64 8.38 -2.08 -12.65
N ALA B 65 7.99 -1.20 -11.73
CA ALA B 65 8.83 -0.89 -10.57
C ALA B 65 9.13 -2.12 -9.75
N PHE B 66 8.29 -3.14 -9.83
CA PHE B 66 8.44 -4.32 -9.01
C PHE B 66 8.95 -5.52 -9.79
N ARG B 67 9.33 -5.30 -11.05
CA ARG B 67 9.96 -6.31 -11.88
C ARG B 67 11.42 -6.45 -11.44
N GLN B 68 11.78 -7.62 -10.94
CA GLN B 68 13.12 -7.86 -10.41
C GLN B 68 14.04 -8.23 -11.57
N PRO B 69 15.36 -8.21 -11.36
CA PRO B 69 16.26 -8.50 -12.50
C PRO B 69 16.00 -9.85 -13.12
N SER B 70 15.51 -10.81 -12.35
CA SER B 70 15.11 -12.10 -12.86
C SER B 70 13.92 -12.06 -13.80
N SER B 71 13.23 -10.92 -13.92
CA SER B 71 11.94 -10.75 -14.61
C SER B 71 10.77 -11.27 -13.76
N ALA B 72 10.99 -11.71 -12.52
CA ALA B 72 9.90 -12.10 -11.64
C ALA B 72 9.38 -10.89 -10.86
N PHE B 73 8.26 -11.08 -10.14
CA PHE B 73 7.61 -10.01 -9.41
C PHE B 73 7.41 -10.40 -7.95
N ALA B 74 7.44 -9.38 -7.10
CA ALA B 74 7.14 -9.47 -5.68
C ALA B 74 6.56 -8.13 -5.22
N ALA B 75 5.96 -8.12 -4.03
CA ALA B 75 5.43 -6.88 -3.48
C ALA B 75 6.47 -5.76 -3.45
N PHE B 76 7.73 -6.08 -3.15
CA PHE B 76 8.77 -5.05 -3.18
C PHE B 76 10.09 -5.70 -3.58
N VAL B 77 11.03 -4.86 -4.02
CA VAL B 77 12.15 -5.43 -4.76
C VAL B 77 13.11 -6.22 -3.86
N LYS B 78 13.10 -5.96 -2.55
CA LYS B 78 13.89 -6.72 -1.59
C LYS B 78 13.20 -8.00 -1.13
N ARG B 79 12.00 -8.29 -1.61
CA ARG B 79 11.28 -9.49 -1.21
C ARG B 79 11.56 -10.59 -2.21
N ALA B 80 11.70 -11.82 -1.74
CA ALA B 80 11.88 -12.95 -2.66
C ALA B 80 10.69 -13.01 -3.61
N PRO B 81 10.90 -13.35 -4.88
CA PRO B 81 9.81 -13.31 -5.85
C PRO B 81 8.77 -14.40 -5.63
N SER B 82 7.52 -14.04 -5.93
CA SER B 82 6.36 -14.92 -5.80
C SER B 82 6.02 -15.58 -7.13
N THR B 83 5.94 -16.92 -7.11
CA THR B 83 5.49 -17.68 -8.27
C THR B 83 4.09 -17.28 -8.69
N TRP B 84 3.18 -17.22 -7.72
CA TRP B 84 1.79 -16.89 -8.03
C TRP B 84 1.67 -15.46 -8.59
N LEU B 85 2.33 -14.47 -7.95
CA LEU B 85 2.19 -13.09 -8.43
C LEU B 85 2.75 -12.95 -9.83
N THR B 86 3.89 -13.59 -10.11
CA THR B 86 4.49 -13.51 -11.44
C THR B 86 3.55 -14.12 -12.47
N ALA B 87 2.96 -15.28 -12.15
CA ALA B 87 1.97 -15.89 -13.03
C ALA B 87 0.71 -15.03 -13.18
N TYR B 88 0.33 -14.30 -12.13
CA TYR B 88 -0.84 -13.42 -12.25
C TYR B 88 -0.54 -12.21 -13.13
N VAL B 89 0.64 -11.61 -13.00
CA VAL B 89 1.03 -10.54 -13.91
C VAL B 89 0.97 -11.03 -15.35
N VAL B 90 1.48 -12.24 -15.62
CA VAL B 90 1.40 -12.82 -16.96
C VAL B 90 -0.06 -12.96 -17.41
N LYS B 91 -0.94 -13.45 -16.54
CA LYS B 91 -2.36 -13.60 -16.86
C LYS B 91 -3.02 -12.28 -17.23
N VAL B 92 -2.79 -11.23 -16.42
CA VAL B 92 -3.39 -9.93 -16.69
C VAL B 92 -2.78 -9.28 -17.94
N PHE B 93 -1.45 -9.18 -18.01
CA PHE B 93 -0.82 -8.51 -19.14
C PHE B 93 -1.19 -9.20 -20.47
N SER B 94 -1.27 -10.52 -20.46
CA SER B 94 -1.61 -11.25 -21.68
C SER B 94 -3.00 -10.87 -22.17
N LEU B 95 -3.95 -10.79 -21.25
CA LEU B 95 -5.29 -10.38 -21.63
C LEU B 95 -5.32 -8.93 -22.06
N ALA B 96 -4.47 -8.08 -21.49
CA ALA B 96 -4.50 -6.65 -21.78
C ALA B 96 -3.71 -6.27 -23.05
N VAL B 97 -3.22 -7.24 -23.83
CA VAL B 97 -2.35 -6.91 -24.94
C VAL B 97 -3.09 -6.10 -26.01
N ASN B 98 -4.40 -6.30 -26.15
CA ASN B 98 -5.17 -5.56 -27.16
C ASN B 98 -5.68 -4.22 -26.61
N LEU B 99 -5.32 -3.88 -25.38
CA LEU B 99 -5.72 -2.62 -24.76
C LEU B 99 -4.59 -1.60 -24.66
N ILE B 100 -3.39 -2.04 -24.27
CA ILE B 100 -2.24 -1.17 -24.13
C ILE B 100 -1.02 -1.91 -24.69
N ALA B 101 0.10 -1.21 -24.76
CA ALA B 101 1.34 -1.79 -25.26
C ALA B 101 2.00 -2.59 -24.15
N ILE B 102 2.11 -3.89 -24.32
CA ILE B 102 2.75 -4.78 -23.37
C ILE B 102 4.09 -5.19 -23.93
N ASP B 103 5.18 -4.88 -23.21
CA ASP B 103 6.52 -5.26 -23.65
C ASP B 103 6.66 -6.79 -23.60
N SER B 104 6.92 -7.40 -24.76
N SER B 104 6.93 -7.40 -24.76
CA SER B 104 7.03 -8.85 -24.82
CA SER B 104 7.04 -8.85 -24.83
C SER B 104 8.20 -9.37 -24.00
C SER B 104 8.20 -9.36 -23.99
N GLN B 105 9.23 -8.55 -23.78
CA GLN B 105 10.36 -8.99 -22.95
C GLN B 105 9.97 -9.08 -21.48
N VAL B 106 9.06 -8.22 -21.03
CA VAL B 106 8.51 -8.35 -19.69
C VAL B 106 7.69 -9.62 -19.58
N LEU B 107 6.76 -9.80 -20.52
CA LEU B 107 5.84 -10.92 -20.45
C LEU B 107 6.57 -12.23 -20.58
N CYS B 108 7.45 -12.33 -21.58
CA CYS B 108 8.10 -13.59 -21.86
C CYS B 108 9.24 -13.85 -20.89
N GLY B 109 9.87 -12.80 -20.37
CA GLY B 109 10.84 -12.98 -19.31
C GLY B 109 10.22 -13.57 -18.05
N ALA B 110 9.00 -13.14 -17.72
CA ALA B 110 8.32 -13.70 -16.55
C ALA B 110 7.99 -15.17 -16.78
N VAL B 111 7.54 -15.50 -17.99
CA VAL B 111 7.22 -16.88 -18.34
C VAL B 111 8.44 -17.77 -18.20
N LYS B 112 9.57 -17.33 -18.75
CA LYS B 112 10.79 -18.15 -18.74
C LYS B 112 11.26 -18.39 -17.31
N TRP B 113 11.19 -17.35 -16.47
CA TRP B 113 11.59 -17.51 -15.08
C TRP B 113 10.72 -18.55 -14.40
N LEU B 114 9.40 -18.48 -14.59
CA LEU B 114 8.50 -19.45 -13.96
C LEU B 114 8.94 -20.86 -14.33
N ILE B 115 9.25 -21.07 -15.60
CA ILE B 115 9.58 -22.42 -16.05
C ILE B 115 10.92 -22.84 -15.50
N LEU B 116 11.94 -22.00 -15.68
CA LEU B 116 13.31 -22.41 -15.38
C LEU B 116 13.57 -22.45 -13.88
N GLU B 117 12.88 -21.62 -13.09
CA GLU B 117 13.16 -21.58 -11.66
C GLU B 117 12.10 -22.26 -10.79
N LYS B 118 10.86 -22.34 -11.23
CA LYS B 118 9.78 -22.72 -10.33
C LYS B 118 9.03 -23.98 -10.72
N GLN B 119 9.29 -24.55 -11.89
CA GLN B 119 8.68 -25.83 -12.24
C GLN B 119 9.62 -26.96 -11.81
N LYS B 120 9.09 -27.96 -11.10
CA LYS B 120 9.87 -29.09 -10.61
C LYS B 120 9.82 -30.24 -11.61
N PRO B 121 10.65 -31.27 -11.40
CA PRO B 121 10.73 -32.38 -12.40
C PRO B 121 9.43 -33.11 -12.67
N ASP B 122 8.51 -33.20 -11.71
CA ASP B 122 7.24 -33.85 -12.00
C ASP B 122 6.24 -32.93 -12.70
N GLY B 123 6.61 -31.69 -13.01
CA GLY B 123 5.71 -30.79 -13.69
C GLY B 123 5.02 -29.76 -12.80
N VAL B 124 5.08 -29.94 -11.49
CA VAL B 124 4.47 -29.01 -10.54
C VAL B 124 5.12 -27.63 -10.61
N PHE B 125 4.34 -26.59 -10.37
CA PHE B 125 4.88 -25.27 -10.07
C PHE B 125 4.83 -25.02 -8.57
N GLN B 126 5.95 -24.54 -8.04
CA GLN B 126 6.12 -24.39 -6.61
C GLN B 126 6.20 -22.91 -6.25
N GLU B 127 5.54 -22.53 -5.16
CA GLU B 127 5.60 -21.18 -4.60
C GLU B 127 6.54 -21.19 -3.41
N ASP B 128 7.57 -20.33 -3.44
CA ASP B 128 8.53 -20.24 -2.35
C ASP B 128 8.39 -18.98 -1.52
N ALA B 129 7.61 -18.01 -1.99
CA ALA B 129 7.48 -16.73 -1.30
C ALA B 129 6.06 -16.24 -1.54
N PRO B 130 5.11 -16.69 -0.72
CA PRO B 130 3.70 -16.39 -0.98
C PRO B 130 3.41 -14.90 -0.93
N VAL B 131 2.38 -14.49 -1.68
CA VAL B 131 1.95 -13.09 -1.62
C VAL B 131 1.51 -12.76 -0.21
N ILE B 132 1.80 -11.52 0.21
CA ILE B 132 1.33 -11.04 1.50
C ILE B 132 -0.19 -10.86 1.50
N HIS B 133 -0.75 -10.35 0.39
CA HIS B 133 -2.21 -10.19 0.28
C HIS B 133 -2.85 -11.49 -0.19
N GLN B 134 -2.97 -12.42 0.74
CA GLN B 134 -3.52 -13.73 0.43
C GLN B 134 -4.96 -13.63 -0.07
N GLU B 135 -5.64 -12.53 0.22
CA GLU B 135 -7.00 -12.36 -0.26
C GLU B 135 -7.07 -12.18 -1.78
N MET B 136 -5.95 -11.94 -2.47
CA MET B 136 -5.99 -11.67 -3.91
C MET B 136 -5.87 -12.92 -4.77
N ILE B 137 -5.70 -14.08 -4.16
CA ILE B 137 -5.44 -15.32 -4.89
C ILE B 137 -6.66 -16.21 -4.94
N GLY B 138 -7.80 -15.76 -4.43
CA GLY B 138 -9.03 -16.52 -4.56
C GLY B 138 -8.94 -17.88 -3.89
N GLY B 139 -9.59 -18.86 -4.50
CA GLY B 139 -9.74 -20.18 -3.89
C GLY B 139 -8.45 -20.94 -3.71
N LEU B 140 -7.38 -20.50 -4.35
CA LEU B 140 -6.05 -21.05 -4.12
C LEU B 140 -5.55 -20.79 -2.71
N ARG B 141 -6.17 -19.85 -1.98
CA ARG B 141 -5.79 -19.64 -0.58
C ARG B 141 -6.00 -20.90 0.27
N ASN B 142 -6.96 -21.73 -0.09
CA ASN B 142 -7.25 -22.95 0.67
C ASN B 142 -6.09 -23.94 0.57
N ASN B 143 -5.74 -24.55 1.72
CA ASN B 143 -4.57 -25.42 1.82
C ASN B 143 -4.70 -26.72 1.03
N ASN B 144 -5.91 -27.12 0.68
CA ASN B 144 -6.11 -28.43 0.08
C ASN B 144 -5.92 -28.35 -1.44
N GLU B 145 -5.24 -29.36 -1.97
CA GLU B 145 -5.03 -29.49 -3.42
C GLU B 145 -4.28 -28.28 -4.00
N LYS B 146 -3.43 -27.68 -3.18
CA LYS B 146 -2.67 -26.50 -3.56
C LYS B 146 -1.70 -26.77 -4.71
N ASP B 147 -0.99 -27.90 -4.66
CA ASP B 147 -0.12 -28.27 -5.78
C ASP B 147 -0.88 -28.26 -7.11
N MET B 148 -2.02 -28.96 -7.14
CA MET B 148 -2.81 -29.01 -8.37
C MET B 148 -3.37 -27.64 -8.74
N ALA B 149 -3.87 -26.89 -7.76
CA ALA B 149 -4.47 -25.60 -8.07
C ALA B 149 -3.43 -24.63 -8.63
N LEU B 150 -2.27 -24.54 -7.99
CA LEU B 150 -1.25 -23.60 -8.44
C LEU B 150 -0.67 -24.02 -9.78
N THR B 151 -0.45 -25.33 -9.96
CA THR B 151 0.09 -25.79 -11.24
C THR B 151 -0.89 -25.45 -12.36
N ALA B 152 -2.20 -25.61 -12.11
CA ALA B 152 -3.19 -25.23 -13.12
C ALA B 152 -3.19 -23.73 -13.36
N PHE B 153 -3.14 -22.95 -12.29
CA PHE B 153 -3.11 -21.49 -12.42
C PHE B 153 -1.94 -21.03 -13.28
N VAL B 154 -0.73 -21.49 -12.96
CA VAL B 154 0.44 -21.08 -13.72
C VAL B 154 0.32 -21.56 -15.17
N LEU B 155 -0.08 -22.83 -15.36
CA LEU B 155 -0.24 -23.39 -16.70
C LEU B 155 -1.19 -22.55 -17.54
N ILE B 156 -2.31 -22.11 -16.95
CA ILE B 156 -3.21 -21.21 -17.65
C ILE B 156 -2.50 -19.93 -18.08
N SER B 157 -1.66 -19.38 -17.22
CA SER B 157 -0.91 -18.19 -17.61
C SER B 157 0.02 -18.48 -18.76
N LEU B 158 0.71 -19.63 -18.75
CA LEU B 158 1.59 -19.97 -19.86
C LEU B 158 0.81 -20.10 -21.16
N GLN B 159 -0.37 -20.74 -21.09
CA GLN B 159 -1.18 -20.91 -22.29
C GLN B 159 -1.67 -19.57 -22.83
N GLU B 160 -2.05 -18.66 -21.95
CA GLU B 160 -2.56 -17.38 -22.42
C GLU B 160 -1.43 -16.52 -22.96
N ALA B 161 -0.18 -16.78 -22.56
CA ALA B 161 0.99 -16.12 -23.12
C ALA B 161 1.66 -16.88 -24.27
N LYS B 162 1.15 -18.06 -24.65
CA LYS B 162 1.90 -18.93 -25.56
C LYS B 162 2.13 -18.27 -26.91
N ASP B 163 1.09 -17.66 -27.48
CA ASP B 163 1.22 -17.10 -28.83
C ASP B 163 2.31 -16.03 -28.88
N ILE B 164 2.40 -15.22 -27.83
CA ILE B 164 3.38 -14.14 -27.82
C ILE B 164 4.78 -14.69 -27.59
N CYS B 165 4.91 -15.67 -26.70
CA CYS B 165 6.22 -16.03 -26.18
C CYS B 165 6.81 -17.31 -26.77
N GLU B 166 6.06 -18.04 -27.58
CA GLU B 166 6.52 -19.38 -27.96
C GLU B 166 7.78 -19.34 -28.82
N GLU B 167 8.06 -18.24 -29.52
CA GLU B 167 9.32 -18.15 -30.23
C GLU B 167 10.46 -17.67 -29.34
N GLN B 168 10.16 -16.91 -28.28
CA GLN B 168 11.20 -16.37 -27.42
C GLN B 168 11.61 -17.29 -26.29
N VAL B 169 10.78 -18.25 -25.90
CA VAL B 169 11.05 -19.07 -24.72
C VAL B 169 11.16 -20.52 -25.16
N ASN B 170 12.40 -21.02 -25.29
CA ASN B 170 12.62 -22.39 -25.75
C ASN B 170 11.85 -23.41 -24.90
N SER B 171 11.89 -23.23 -23.57
CA SER B 171 11.33 -24.17 -22.61
C SER B 171 9.82 -24.20 -22.56
N LEU B 172 9.12 -23.40 -23.36
CA LEU B 172 7.69 -23.22 -23.13
C LEU B 172 6.88 -24.45 -23.50
N PRO B 173 6.99 -25.01 -24.70
CA PRO B 173 6.14 -26.17 -25.03
C PRO B 173 6.36 -27.38 -24.13
N GLY B 174 7.61 -27.64 -23.71
CA GLY B 174 7.85 -28.77 -22.83
C GLY B 174 7.31 -28.54 -21.42
N SER B 175 7.37 -27.29 -20.96
CA SER B 175 6.79 -26.95 -19.67
C SER B 175 5.28 -27.18 -19.65
N ILE B 176 4.60 -26.78 -20.72
CA ILE B 176 3.15 -27.00 -20.84
C ILE B 176 2.83 -28.48 -20.81
N THR B 177 3.58 -29.29 -21.57
CA THR B 177 3.33 -30.72 -21.58
C THR B 177 3.55 -31.35 -20.22
N LYS B 178 4.61 -30.92 -19.51
N LYS B 178 4.64 -30.95 -19.54
CA LYS B 178 4.93 -31.51 -18.24
CA LYS B 178 4.96 -31.48 -18.23
C LYS B 178 3.90 -31.13 -17.17
C LYS B 178 3.86 -31.15 -17.22
N ALA B 179 3.46 -29.87 -17.16
CA ALA B 179 2.40 -29.45 -16.25
C ALA B 179 1.09 -30.19 -16.56
N GLY B 180 0.73 -30.26 -17.84
CA GLY B 180 -0.39 -31.07 -18.27
C GLY B 180 -0.33 -32.50 -17.78
N ASP B 181 0.83 -33.16 -17.95
CA ASP B 181 1.01 -34.51 -17.43
C ASP B 181 0.69 -34.60 -15.94
N PHE B 182 1.23 -33.65 -15.16
CA PHE B 182 0.98 -33.68 -13.72
C PHE B 182 -0.51 -33.56 -13.40
N LEU B 183 -1.19 -32.60 -14.03
CA LEU B 183 -2.61 -32.42 -13.80
C LEU B 183 -3.40 -33.66 -14.20
N GLU B 184 -3.09 -34.21 -15.36
CA GLU B 184 -3.80 -35.39 -15.84
C GLU B 184 -3.61 -36.57 -14.89
N ALA B 185 -2.40 -36.75 -14.38
CA ALA B 185 -2.11 -37.90 -13.53
C ALA B 185 -2.88 -37.86 -12.22
N ASN B 186 -3.28 -36.68 -11.76
CA ASN B 186 -3.86 -36.51 -10.43
C ASN B 186 -5.29 -36.00 -10.45
N TYR B 187 -5.87 -35.78 -11.63
CA TYR B 187 -7.18 -35.16 -11.73
C TYR B 187 -8.28 -35.99 -11.05
N MET B 188 -8.25 -37.32 -11.25
CA MET B 188 -9.34 -38.17 -10.75
C MET B 188 -9.38 -38.27 -9.23
N ASN B 189 -8.25 -38.00 -8.56
CA ASN B 189 -8.19 -37.93 -7.10
C ASN B 189 -8.68 -36.61 -6.51
N LEU B 190 -8.99 -35.59 -7.31
CA LEU B 190 -9.41 -34.32 -6.75
C LEU B 190 -10.77 -34.41 -6.07
N GLN B 191 -10.91 -33.70 -4.95
CA GLN B 191 -12.17 -33.62 -4.23
C GLN B 191 -12.81 -32.24 -4.28
N ARG B 192 -12.03 -31.17 -4.49
CA ARG B 192 -12.58 -29.83 -4.52
C ARG B 192 -13.16 -29.51 -5.90
N SER B 193 -14.38 -28.99 -5.92
CA SER B 193 -14.93 -28.48 -7.16
C SER B 193 -14.08 -27.37 -7.74
N TYR B 194 -13.46 -26.56 -6.88
CA TYR B 194 -12.57 -25.48 -7.36
C TYR B 194 -11.42 -26.02 -8.19
N THR B 195 -10.74 -27.06 -7.69
CA THR B 195 -9.61 -27.62 -8.41
C THR B 195 -10.05 -28.37 -9.67
N VAL B 196 -11.17 -29.08 -9.59
CA VAL B 196 -11.74 -29.73 -10.77
C VAL B 196 -11.99 -28.71 -11.88
N ALA B 197 -12.45 -27.52 -11.51
CA ALA B 197 -12.76 -26.49 -12.50
C ALA B 197 -11.51 -25.82 -13.05
N ILE B 198 -10.58 -25.41 -12.20
CA ILE B 198 -9.43 -24.66 -12.73
C ILE B 198 -8.50 -25.60 -13.47
N ALA B 199 -8.24 -26.79 -12.92
CA ALA B 199 -7.48 -27.79 -13.66
C ALA B 199 -8.23 -28.27 -14.91
N GLY B 200 -9.56 -28.33 -14.84
CA GLY B 200 -10.35 -28.65 -16.02
C GLY B 200 -10.13 -27.67 -17.17
N TYR B 201 -10.12 -26.36 -16.88
CA TYR B 201 -9.85 -25.38 -17.93
C TYR B 201 -8.45 -25.56 -18.50
N ALA B 202 -7.47 -25.74 -17.62
CA ALA B 202 -6.10 -25.89 -18.07
C ALA B 202 -5.97 -27.11 -18.98
N LEU B 203 -6.61 -28.21 -18.60
CA LEU B 203 -6.52 -29.41 -19.42
C LEU B 203 -7.31 -29.24 -20.72
N ALA B 204 -8.47 -28.59 -20.67
CA ALA B 204 -9.26 -28.42 -21.90
C ALA B 204 -8.56 -27.51 -22.90
N GLN B 205 -7.79 -26.54 -22.41
CA GLN B 205 -7.03 -25.69 -23.31
C GLN B 205 -5.99 -26.47 -24.10
N MET B 206 -5.55 -27.62 -23.58
CA MET B 206 -4.59 -28.49 -24.23
C MET B 206 -5.24 -29.63 -24.96
N GLY B 207 -6.58 -29.70 -24.96
CA GLY B 207 -7.26 -30.85 -25.54
C GLY B 207 -7.10 -32.11 -24.75
N ARG B 208 -6.80 -32.02 -23.46
CA ARG B 208 -6.55 -33.20 -22.65
C ARG B 208 -7.61 -33.42 -21.60
N LEU B 209 -8.80 -32.86 -21.78
CA LEU B 209 -9.90 -33.07 -20.86
C LEU B 209 -10.87 -34.00 -21.59
N LYS B 210 -10.74 -35.30 -21.37
CA LYS B 210 -11.63 -36.25 -22.03
C LYS B 210 -11.77 -37.49 -21.15
N GLY B 211 -12.59 -38.43 -21.64
CA GLY B 211 -12.79 -39.68 -20.95
C GLY B 211 -13.36 -39.49 -19.57
N PRO B 212 -12.88 -40.28 -18.61
CA PRO B 212 -13.41 -40.12 -17.24
C PRO B 212 -13.00 -38.80 -16.59
N LEU B 213 -11.93 -38.15 -17.05
CA LEU B 213 -11.62 -36.81 -16.55
C LEU B 213 -12.68 -35.81 -16.97
N LEU B 214 -13.06 -35.83 -18.24
CA LEU B 214 -14.14 -34.97 -18.69
C LEU B 214 -15.45 -35.31 -17.97
N ASN B 215 -15.68 -36.60 -17.72
CA ASN B 215 -16.90 -36.96 -17.01
C ASN B 215 -16.86 -36.45 -15.57
N LYS B 216 -15.69 -36.53 -14.92
CA LYS B 216 -15.57 -35.98 -13.57
C LYS B 216 -15.82 -34.47 -13.58
N PHE B 217 -15.22 -33.77 -14.55
CA PHE B 217 -15.44 -32.34 -14.67
C PHE B 217 -16.91 -32.00 -14.76
N LEU B 218 -17.63 -32.66 -15.69
CA LEU B 218 -19.03 -32.33 -15.88
C LEU B 218 -19.90 -32.78 -14.70
N THR B 219 -19.66 -34.00 -14.18
CA THR B 219 -20.53 -34.48 -13.12
C THR B 219 -20.25 -33.82 -11.78
N THR B 220 -19.13 -33.11 -11.63
CA THR B 220 -18.86 -32.39 -10.40
C THR B 220 -19.78 -31.19 -10.23
N ALA B 221 -20.33 -30.65 -11.32
CA ALA B 221 -21.24 -29.51 -11.18
C ALA B 221 -22.48 -29.90 -10.40
N LYS B 222 -22.99 -28.96 -9.61
CA LYS B 222 -24.28 -29.12 -8.95
C LYS B 222 -25.39 -28.55 -9.84
N ASP B 223 -26.44 -29.34 -10.04
CA ASP B 223 -27.62 -28.92 -10.82
C ASP B 223 -27.25 -28.48 -12.23
N LYS B 224 -26.21 -29.11 -12.77
CA LYS B 224 -25.60 -28.77 -14.04
C LYS B 224 -25.42 -27.27 -14.27
N ASN B 225 -25.27 -26.47 -13.20
CA ASN B 225 -25.10 -25.03 -13.44
C ASN B 225 -24.03 -24.33 -12.61
N ARG B 226 -23.31 -25.03 -11.72
CA ARG B 226 -22.29 -24.35 -10.96
C ARG B 226 -21.31 -25.34 -10.34
N TRP B 227 -20.08 -24.89 -10.17
CA TRP B 227 -19.06 -25.63 -9.43
C TRP B 227 -18.88 -24.97 -8.07
N GLU B 228 -19.21 -25.68 -7.01
CA GLU B 228 -19.35 -25.11 -5.67
C GLU B 228 -18.74 -26.04 -4.63
N ASP B 229 -18.10 -25.44 -3.63
CA ASP B 229 -17.56 -26.12 -2.46
C ASP B 229 -18.10 -25.46 -1.20
N PRO B 230 -18.10 -26.19 -0.06
CA PRO B 230 -18.42 -25.55 1.23
C PRO B 230 -17.38 -24.51 1.63
N GLY B 231 -17.78 -23.25 1.54
CA GLY B 231 -16.87 -22.15 1.78
C GLY B 231 -17.39 -20.88 1.13
N LYS B 232 -16.46 -19.95 0.88
CA LYS B 232 -16.81 -18.61 0.44
C LYS B 232 -17.51 -18.65 -0.91
N GLN B 233 -18.60 -17.89 -1.02
CA GLN B 233 -19.29 -17.76 -2.30
C GLN B 233 -18.36 -17.24 -3.39
N LEU B 234 -17.46 -16.32 -3.05
CA LEU B 234 -16.54 -15.77 -4.06
C LEU B 234 -15.70 -16.86 -4.71
N TYR B 235 -15.35 -17.91 -3.95
CA TYR B 235 -14.54 -18.99 -4.55
C TYR B 235 -15.38 -19.78 -5.53
N ASN B 236 -16.68 -19.92 -5.25
CA ASN B 236 -17.56 -20.64 -6.14
C ASN B 236 -17.82 -19.87 -7.43
N VAL B 237 -17.93 -18.55 -7.33
CA VAL B 237 -18.05 -17.72 -8.53
C VAL B 237 -16.81 -17.86 -9.41
N GLU B 238 -15.63 -17.83 -8.78
CA GLU B 238 -14.37 -18.02 -9.48
C GLU B 238 -14.29 -19.41 -10.09
N ALA B 239 -14.66 -20.45 -9.33
CA ALA B 239 -14.62 -21.81 -9.87
C ALA B 239 -15.55 -21.96 -11.06
N THR B 240 -16.80 -21.50 -10.93
CA THR B 240 -17.76 -21.64 -12.01
C THR B 240 -17.32 -20.86 -13.25
N SER B 241 -16.59 -19.77 -13.06
CA SER B 241 -16.06 -19.02 -14.19
C SER B 241 -15.00 -19.80 -14.92
N TYR B 242 -14.09 -20.46 -14.19
CA TYR B 242 -13.11 -21.32 -14.85
C TYR B 242 -13.81 -22.47 -15.57
N ALA B 243 -14.88 -23.01 -14.98
CA ALA B 243 -15.63 -24.09 -15.63
C ALA B 243 -16.32 -23.60 -16.90
N LEU B 244 -16.85 -22.37 -16.92
CA LEU B 244 -17.46 -21.82 -18.13
C LEU B 244 -16.42 -21.72 -19.24
N LEU B 245 -15.25 -21.19 -18.91
CA LEU B 245 -14.17 -21.13 -19.89
C LEU B 245 -13.80 -22.51 -20.40
N ALA B 246 -13.78 -23.54 -19.52
CA ALA B 246 -13.49 -24.91 -19.99
C ALA B 246 -14.58 -25.44 -20.92
N LEU B 247 -15.85 -25.19 -20.58
CA LEU B 247 -16.94 -25.56 -21.48
C LEU B 247 -16.82 -24.89 -22.84
N LEU B 248 -16.41 -23.61 -22.87
CA LEU B 248 -16.27 -22.91 -24.14
C LEU B 248 -15.10 -23.47 -24.94
N GLN B 249 -13.97 -23.76 -24.29
CA GLN B 249 -12.88 -24.46 -24.97
C GLN B 249 -13.36 -25.79 -25.56
N LEU B 250 -14.19 -26.50 -24.80
CA LEU B 250 -14.74 -27.79 -25.22
C LEU B 250 -15.83 -27.65 -26.26
N LYS B 251 -16.30 -26.44 -26.51
CA LYS B 251 -17.41 -26.19 -27.42
C LYS B 251 -18.67 -26.92 -26.98
N ASP B 252 -18.82 -27.14 -25.67
CA ASP B 252 -20.03 -27.77 -25.11
C ASP B 252 -21.10 -26.70 -24.89
N PHE B 253 -21.60 -26.18 -26.02
CA PHE B 253 -22.52 -25.05 -25.97
C PHE B 253 -23.87 -25.41 -25.41
N ASP B 254 -24.27 -26.70 -25.46
CA ASP B 254 -25.50 -27.12 -24.81
C ASP B 254 -25.43 -26.94 -23.30
N PHE B 255 -24.26 -27.22 -22.71
CA PHE B 255 -24.14 -27.16 -21.26
C PHE B 255 -24.11 -25.73 -20.75
N VAL B 256 -23.78 -24.77 -21.59
CA VAL B 256 -23.37 -23.42 -21.19
C VAL B 256 -24.49 -22.55 -20.66
N PRO B 257 -25.70 -22.58 -21.23
CA PRO B 257 -26.71 -21.58 -20.86
C PRO B 257 -27.07 -21.61 -19.38
N PRO B 258 -27.21 -22.76 -18.73
CA PRO B 258 -27.52 -22.71 -17.29
C PRO B 258 -26.38 -22.15 -16.46
N VAL B 259 -25.13 -22.39 -16.86
CA VAL B 259 -24.00 -21.85 -16.12
C VAL B 259 -24.00 -20.34 -16.20
N VAL B 260 -24.14 -19.78 -17.42
CA VAL B 260 -24.24 -18.34 -17.60
C VAL B 260 -25.40 -17.77 -16.78
N ARG B 261 -26.53 -18.47 -16.77
CA ARG B 261 -27.67 -18.00 -16.00
C ARG B 261 -27.31 -17.93 -14.52
N TRP B 262 -26.75 -19.02 -13.97
CA TRP B 262 -26.38 -19.00 -12.55
C TRP B 262 -25.44 -17.83 -12.26
N LEU B 263 -24.45 -17.59 -13.14
CA LEU B 263 -23.51 -16.50 -12.90
C LEU B 263 -24.21 -15.14 -12.89
N ASN B 264 -25.14 -14.93 -13.83
CA ASN B 264 -25.88 -13.67 -13.86
C ASN B 264 -26.78 -13.54 -12.64
N GLU B 265 -27.38 -14.64 -12.19
CA GLU B 265 -28.28 -14.59 -11.03
C GLU B 265 -27.55 -14.40 -9.71
N GLN B 266 -26.23 -14.56 -9.67
CA GLN B 266 -25.50 -14.22 -8.45
C GLN B 266 -25.50 -12.72 -8.18
N ARG B 267 -25.81 -11.91 -9.19
CA ARG B 267 -25.82 -10.44 -9.07
C ARG B 267 -24.51 -9.96 -8.47
N TYR B 268 -23.43 -10.49 -9.00
CA TYR B 268 -22.09 -10.16 -8.58
C TYR B 268 -21.46 -9.30 -9.66
N TYR B 269 -21.00 -8.10 -9.29
CA TYR B 269 -20.44 -7.14 -10.24
C TYR B 269 -19.00 -6.78 -9.92
N GLY B 270 -18.28 -7.66 -9.23
CA GLY B 270 -16.86 -7.45 -8.99
C GLY B 270 -16.59 -6.42 -7.91
N GLY B 271 -15.31 -6.30 -7.57
CA GLY B 271 -14.85 -5.29 -6.65
C GLY B 271 -15.05 -5.69 -5.21
N GLY B 272 -14.32 -5.00 -4.34
CA GLY B 272 -14.39 -5.24 -2.91
C GLY B 272 -13.19 -6.03 -2.40
N TYR B 273 -13.15 -6.22 -1.09
CA TYR B 273 -12.05 -6.92 -0.46
C TYR B 273 -12.00 -8.38 -0.90
N GLY B 274 -10.81 -8.85 -1.24
CA GLY B 274 -10.67 -10.25 -1.59
C GLY B 274 -11.36 -10.64 -2.88
N SER B 275 -11.70 -9.65 -3.72
CA SER B 275 -12.46 -9.87 -4.94
C SER B 275 -11.60 -10.05 -6.20
N THR B 276 -10.26 -10.05 -6.08
CA THR B 276 -9.43 -9.96 -7.28
C THR B 276 -9.72 -11.12 -8.27
N GLN B 277 -9.67 -12.36 -7.80
CA GLN B 277 -9.80 -13.49 -8.71
C GLN B 277 -11.24 -13.64 -9.20
N ALA B 278 -12.21 -13.51 -8.31
CA ALA B 278 -13.62 -13.56 -8.74
C ALA B 278 -13.92 -12.49 -9.79
N THR B 279 -13.39 -11.27 -9.61
CA THR B 279 -13.65 -10.17 -10.54
C THR B 279 -13.00 -10.44 -11.89
N PHE B 280 -11.70 -10.78 -11.90
CA PHE B 280 -11.06 -11.10 -13.17
C PHE B 280 -11.77 -12.26 -13.87
N MET B 281 -12.04 -13.35 -13.13
CA MET B 281 -12.50 -14.57 -13.79
C MET B 281 -13.96 -14.43 -14.25
N VAL B 282 -14.84 -13.83 -13.44
CA VAL B 282 -16.24 -13.78 -13.86
C VAL B 282 -16.37 -12.92 -15.12
N PHE B 283 -15.64 -11.82 -15.20
CA PHE B 283 -15.75 -10.98 -16.40
C PHE B 283 -14.96 -11.56 -17.56
N GLN B 284 -13.84 -12.25 -17.30
CA GLN B 284 -13.18 -12.96 -18.39
C GLN B 284 -14.11 -14.02 -18.99
N ALA B 285 -14.76 -14.80 -18.13
CA ALA B 285 -15.58 -15.91 -18.60
C ALA B 285 -16.82 -15.43 -19.33
N LEU B 286 -17.51 -14.42 -18.80
CA LEU B 286 -18.72 -13.96 -19.47
C LEU B 286 -18.39 -13.23 -20.76
N ALA B 287 -17.26 -12.51 -20.81
CA ALA B 287 -16.84 -11.92 -22.07
C ALA B 287 -16.59 -12.99 -23.12
N GLN B 288 -15.97 -14.10 -22.73
CA GLN B 288 -15.67 -15.16 -23.67
C GLN B 288 -16.94 -15.84 -24.16
N TYR B 289 -17.93 -15.99 -23.26
CA TYR B 289 -19.26 -16.47 -23.65
C TYR B 289 -19.92 -15.53 -24.66
N GLN B 290 -19.89 -14.23 -24.41
CA GLN B 290 -20.47 -13.28 -25.36
C GLN B 290 -19.79 -13.36 -26.71
N LYS B 291 -18.49 -13.63 -26.72
CA LYS B 291 -17.74 -13.69 -27.96
C LYS B 291 -18.04 -14.96 -28.74
N ASP B 292 -18.23 -16.08 -28.02
CA ASP B 292 -18.20 -17.42 -28.62
C ASP B 292 -19.56 -18.07 -28.76
N ALA B 293 -20.53 -17.79 -27.87
CA ALA B 293 -21.82 -18.45 -28.00
C ALA B 293 -22.94 -17.63 -27.38
N PRO B 294 -23.05 -16.35 -27.71
CA PRO B 294 -24.17 -15.55 -27.15
C PRO B 294 -25.52 -16.04 -27.62
N ASP B 295 -25.56 -16.78 -28.73
CA ASP B 295 -26.76 -17.37 -29.29
C ASP B 295 -27.29 -18.54 -28.47
N HIS B 296 -26.51 -19.04 -27.50
CA HIS B 296 -26.91 -20.13 -26.61
C HIS B 296 -27.35 -19.52 -25.28
N GLN B 297 -28.66 -19.31 -25.14
CA GLN B 297 -29.23 -18.61 -23.99
C GLN B 297 -30.46 -19.35 -23.49
N GLU B 298 -30.67 -19.35 -22.18
CA GLU B 298 -31.79 -20.04 -21.56
C GLU B 298 -33.08 -19.22 -21.66
CL CL C . 3.68 2.51 0.73
CL CL D . 10.30 -1.74 -3.59
CL CL E . 1.91 -4.48 -2.26
CL CL F . -11.14 4.53 -26.61
#